data_7X78
#
_entry.id   7X78
#
_cell.length_a   92.614
_cell.length_b   92.614
_cell.length_c   41.828
_cell.angle_alpha   90.000
_cell.angle_beta   90.000
_cell.angle_gamma   90.000
#
_symmetry.space_group_name_H-M   'P 4 21 2'
#
loop_
_entity.id
_entity.type
_entity.pdbx_description
1 polymer 'L-fuculose phosphate aldolase'
2 non-polymer 'SULFATE ION'
3 non-polymer 'MAGNESIUM ION'
4 water water
#
_entity_poly.entity_id   1
_entity_poly.type   'polypeptide(L)'
_entity_poly.pdbx_seq_one_letter_code
;MERNRLARQIIDTCLEMTRLGLNQGTAGNVSVRYQGGMLITPTGIPYEKLTEDKIVFIDADGQHEQGKLPSSEWRFHQAA
YQTRPDAQAVVHNHAVHCTAVSILNRPIPAIHYMIAAAGGNSIPCAPYATFGTRELSEHVAVALKHRKATLLQHHGLIAC
EASLEKALWLAHEVEVLAQLYLSTLAITDPVPVLDDEAIAIVLEKFKTYGLRIEE
;
_entity_poly.pdbx_strand_id   A
#
# COMPACT_ATOMS: atom_id res chain seq x y z
N MET A 1 -17.18 10.62 18.68
CA MET A 1 -17.39 9.56 17.70
C MET A 1 -16.06 8.98 17.25
N GLU A 2 -15.93 7.68 17.52
CA GLU A 2 -14.76 6.93 17.09
C GLU A 2 -14.61 6.99 15.58
N ARG A 3 -15.72 6.90 14.86
CA ARG A 3 -15.67 6.87 13.42
C ARG A 3 -15.22 8.21 12.85
N ASN A 4 -15.72 9.31 13.43
CA ASN A 4 -15.34 10.64 12.97
C ASN A 4 -13.83 10.87 13.12
N ARG A 5 -13.25 10.42 14.22
CA ARG A 5 -11.82 10.60 14.41
C ARG A 5 -11.04 9.80 13.38
N LEU A 6 -11.44 8.55 13.16
CA LEU A 6 -10.75 7.72 12.17
C LEU A 6 -10.90 8.29 10.77
N ALA A 7 -12.11 8.74 10.42
CA ALA A 7 -12.33 9.30 9.09
C ALA A 7 -11.50 10.56 8.90
N ARG A 8 -11.40 11.38 9.95
CA ARG A 8 -10.54 12.56 9.92
C ARG A 8 -9.08 12.15 9.67
N GLN A 9 -8.63 11.07 10.31
CA GLN A 9 -7.25 10.64 10.12
C GLN A 9 -7.03 10.06 8.72
N ILE A 10 -8.04 9.38 8.17
CA ILE A 10 -7.92 8.88 6.80
C ILE A 10 -7.74 10.05 5.84
N ILE A 11 -8.54 11.11 6.01
CA ILE A 11 -8.44 12.26 5.12
C ILE A 11 -7.08 12.94 5.29
N ASP A 12 -6.64 13.16 6.54
CA ASP A 12 -5.32 13.72 6.78
C ASP A 12 -4.23 12.93 6.08
N THR A 13 -4.32 11.60 6.14
CA THR A 13 -3.36 10.74 5.46
C THR A 13 -3.40 10.95 3.95
N CYS A 14 -4.61 11.09 3.40
CA CYS A 14 -4.76 11.29 1.96
C CYS A 14 -4.13 12.61 1.55
N LEU A 15 -4.51 13.69 2.23
CA LEU A 15 -3.96 15.01 1.94
C LEU A 15 -2.44 15.02 2.12
N GLU A 16 -1.93 14.30 3.14
CA GLU A 16 -0.49 14.23 3.34
C GLU A 16 0.18 13.42 2.25
N MET A 17 -0.47 12.34 1.80
CA MET A 17 0.09 11.52 0.72
C MET A 17 0.26 12.32 -0.56
N THR A 18 -0.71 13.16 -0.89
CA THR A 18 -0.59 14.00 -2.07
C THR A 18 0.48 15.07 -1.88
N ARG A 19 0.57 15.63 -0.67
CA ARG A 19 1.59 16.63 -0.38
C ARG A 19 3.01 16.07 -0.55
N LEU A 20 3.22 14.80 -0.25
CA LEU A 20 4.52 14.18 -0.43
C LEU A 20 4.77 13.72 -1.86
N GLY A 21 3.89 14.04 -2.80
CA GLY A 21 4.07 13.62 -4.17
C GLY A 21 3.83 12.15 -4.42
N LEU A 22 3.01 11.51 -3.58
CA LEU A 22 2.78 10.08 -3.69
C LEU A 22 1.47 9.73 -4.40
N ASN A 23 0.57 10.69 -4.57
CA ASN A 23 -0.65 10.41 -5.32
C ASN A 23 -0.66 11.20 -6.63
N ALA A 27 -6.48 9.13 -7.38
CA ALA A 27 -5.87 7.88 -7.84
C ALA A 27 -5.88 6.82 -6.75
N GLY A 28 -5.30 7.14 -5.59
CA GLY A 28 -5.13 6.16 -4.55
C GLY A 28 -6.37 5.94 -3.69
N ASN A 29 -6.21 5.11 -2.67
CA ASN A 29 -7.25 4.89 -1.68
C ASN A 29 -6.62 4.46 -0.37
N VAL A 30 -7.28 4.80 0.73
CA VAL A 30 -6.76 4.59 2.08
C VAL A 30 -7.87 4.01 2.93
N SER A 31 -7.54 3.05 3.81
CA SER A 31 -8.54 2.48 4.70
C SER A 31 -7.93 2.21 6.07
N VAL A 32 -8.82 1.97 7.05
CA VAL A 32 -8.41 1.41 8.33
C VAL A 32 -9.28 0.21 8.63
N ARG A 33 -8.73 -0.72 9.41
CA ARG A 33 -9.53 -1.80 9.97
C ARG A 33 -10.50 -1.24 11.03
N TYR A 34 -11.77 -1.65 10.97
CA TYR A 34 -12.79 -1.00 11.82
C TYR A 34 -13.97 -1.93 12.01
N GLN A 35 -14.22 -2.33 13.27
CA GLN A 35 -15.45 -3.04 13.66
C GLN A 35 -15.75 -4.24 12.76
N GLY A 36 -14.72 -5.06 12.50
CA GLY A 36 -14.92 -6.24 11.68
C GLY A 36 -14.99 -5.97 10.19
N GLY A 37 -15.04 -4.72 9.76
CA GLY A 37 -14.88 -4.37 8.37
C GLY A 37 -13.80 -3.31 8.21
N MET A 38 -14.09 -2.25 7.46
CA MET A 38 -13.11 -1.21 7.24
C MET A 38 -13.82 0.11 7.01
N LEU A 39 -13.10 1.20 7.26
CA LEU A 39 -13.47 2.51 6.75
C LEU A 39 -12.53 2.84 5.60
N ILE A 40 -13.08 3.26 4.46
CA ILE A 40 -12.27 3.45 3.25
C ILE A 40 -12.72 4.71 2.51
N THR A 41 -11.78 5.31 1.79
CA THR A 41 -12.13 6.44 0.95
C THR A 41 -13.17 6.02 -0.10
N PRO A 42 -14.03 6.94 -0.53
CA PRO A 42 -15.00 6.64 -1.57
C PRO A 42 -14.37 6.78 -2.96
N THR A 43 -15.08 6.26 -3.95
CA THR A 43 -14.59 6.34 -5.31
C THR A 43 -14.86 7.73 -5.90
N GLY A 44 -13.91 8.21 -6.71
CA GLY A 44 -14.12 9.35 -7.57
C GLY A 44 -13.91 10.70 -6.92
N ILE A 45 -14.08 10.80 -5.61
CA ILE A 45 -14.05 12.12 -4.95
C ILE A 45 -12.60 12.52 -4.74
N PRO A 46 -12.19 13.71 -5.20
CA PRO A 46 -10.83 14.15 -4.96
C PRO A 46 -10.58 14.35 -3.47
N TYR A 47 -9.34 14.07 -3.06
CA TYR A 47 -8.99 14.13 -1.65
C TYR A 47 -9.32 15.50 -1.04
N GLU A 48 -9.02 16.58 -1.75
CA GLU A 48 -9.29 17.93 -1.26
C GLU A 48 -10.77 18.22 -1.08
N LYS A 49 -11.65 17.36 -1.60
CA LYS A 49 -13.09 17.53 -1.42
C LYS A 49 -13.67 16.52 -0.43
N LEU A 50 -12.85 15.61 0.10
CA LEU A 50 -13.35 14.65 1.06
C LEU A 50 -13.73 15.33 2.36
N THR A 51 -14.90 14.98 2.88
CA THR A 51 -15.31 15.32 4.23
C THR A 51 -15.50 14.03 4.98
N GLU A 52 -15.44 14.10 6.32
CA GLU A 52 -15.48 12.87 7.12
C GLU A 52 -16.73 12.06 6.79
N ASP A 53 -17.82 12.77 6.50
CA ASP A 53 -19.10 12.19 6.10
C ASP A 53 -18.98 11.27 4.88
N LYS A 54 -17.99 11.50 4.03
CA LYS A 54 -17.89 10.77 2.77
C LYS A 54 -17.11 9.47 2.88
N ILE A 55 -16.45 9.22 4.02
CA ILE A 55 -15.75 7.96 4.22
C ILE A 55 -16.78 6.83 4.32
N VAL A 56 -16.43 5.67 3.76
CA VAL A 56 -17.38 4.58 3.53
C VAL A 56 -17.04 3.42 4.46
N PHE A 57 -18.03 2.96 5.20
CA PHE A 57 -17.86 1.73 5.97
C PHE A 57 -18.27 0.52 5.12
N ILE A 58 -17.42 -0.50 5.11
CA ILE A 58 -17.74 -1.78 4.51
C ILE A 58 -17.73 -2.83 5.62
N ASP A 59 -18.82 -3.58 5.73
CA ASP A 59 -18.89 -4.53 6.82
C ASP A 59 -18.06 -5.78 6.50
N ALA A 60 -18.12 -6.76 7.41
CA ALA A 60 -17.28 -7.96 7.29
C ALA A 60 -17.64 -8.79 6.07
N ASP A 61 -18.80 -8.54 5.45
CA ASP A 61 -19.27 -9.31 4.31
C ASP A 61 -19.01 -8.66 2.98
N GLY A 62 -18.45 -7.46 2.96
CA GLY A 62 -18.30 -6.71 1.73
C GLY A 62 -19.46 -5.82 1.39
N GLN A 63 -20.50 -5.77 2.23
CA GLN A 63 -21.61 -4.85 1.99
C GLN A 63 -21.20 -3.46 2.45
N HIS A 64 -21.22 -2.50 1.54
CA HIS A 64 -20.87 -1.13 1.91
C HIS A 64 -22.09 -0.41 2.47
N GLU A 65 -21.83 0.70 3.16
CA GLU A 65 -22.91 1.54 3.68
C GLU A 65 -23.86 1.95 2.55
N GLN A 66 -25.13 2.14 2.91
CA GLN A 66 -26.11 2.57 1.93
C GLN A 66 -25.85 4.00 1.46
N GLY A 67 -25.96 4.22 0.16
CA GLY A 67 -25.83 5.55 -0.40
C GLY A 67 -24.41 6.02 -0.62
N LYS A 68 -23.41 5.17 -0.39
CA LYS A 68 -22.02 5.54 -0.57
C LYS A 68 -21.34 4.47 -1.41
N LEU A 69 -20.48 4.90 -2.34
CA LEU A 69 -19.75 3.95 -3.18
C LEU A 69 -18.31 3.89 -2.71
N PRO A 70 -17.86 2.78 -2.14
CA PRO A 70 -16.46 2.69 -1.67
C PRO A 70 -15.52 2.70 -2.85
N SER A 71 -14.24 2.93 -2.53
CA SER A 71 -13.17 2.79 -3.51
C SER A 71 -13.35 1.55 -4.37
N SER A 72 -13.12 1.70 -5.68
CA SER A 72 -13.23 0.57 -6.60
C SER A 72 -12.23 -0.53 -6.29
N GLU A 73 -11.21 -0.24 -5.47
CA GLU A 73 -10.21 -1.24 -5.12
C GLU A 73 -10.34 -1.71 -3.67
N TRP A 74 -11.53 -1.57 -3.08
CA TRP A 74 -11.69 -2.00 -1.71
C TRP A 74 -11.40 -3.48 -1.54
N ARG A 75 -11.57 -4.29 -2.60
CA ARG A 75 -11.41 -5.72 -2.43
C ARG A 75 -9.97 -6.10 -2.10
N PHE A 76 -8.98 -5.36 -2.60
CA PHE A 76 -7.66 -5.77 -2.16
C PHE A 76 -7.25 -5.10 -0.85
N HIS A 77 -7.99 -4.10 -0.35
CA HIS A 77 -7.84 -3.72 1.05
C HIS A 77 -8.34 -4.85 1.94
N GLN A 78 -9.49 -5.43 1.59
CA GLN A 78 -10.01 -6.56 2.35
C GLN A 78 -9.03 -7.74 2.30
N ALA A 79 -8.43 -7.98 1.14
CA ALA A 79 -7.45 -9.05 1.04
C ALA A 79 -6.26 -8.80 1.96
N ALA A 80 -5.79 -7.55 2.04
CA ALA A 80 -4.69 -7.22 2.94
C ALA A 80 -5.04 -7.52 4.38
N TYR A 81 -6.22 -7.06 4.84
CA TYR A 81 -6.63 -7.26 6.22
C TYR A 81 -6.82 -8.73 6.56
N GLN A 82 -7.29 -9.53 5.60
CA GLN A 82 -7.47 -10.95 5.87
C GLN A 82 -6.15 -11.70 5.88
N THR A 83 -5.18 -11.20 5.14
CA THR A 83 -3.88 -11.86 5.03
C THR A 83 -2.97 -11.49 6.19
N ARG A 84 -3.03 -10.23 6.62
CA ARG A 84 -2.12 -9.72 7.65
C ARG A 84 -2.91 -9.30 8.89
N PRO A 85 -2.98 -10.14 9.93
CA PRO A 85 -3.71 -9.75 11.15
C PRO A 85 -3.12 -8.52 11.81
N ASP A 86 -1.84 -8.22 11.55
CA ASP A 86 -1.17 -7.05 12.11
C ASP A 86 -1.47 -5.77 11.33
N ALA A 87 -2.11 -5.85 10.16
CA ALA A 87 -2.43 -4.65 9.42
C ALA A 87 -3.65 -3.98 10.02
N GLN A 88 -3.50 -2.70 10.38
CA GLN A 88 -4.61 -1.88 10.83
C GLN A 88 -4.97 -0.78 9.84
N ALA A 89 -4.11 -0.52 8.87
CA ALA A 89 -4.29 0.54 7.90
C ALA A 89 -3.65 0.11 6.60
N VAL A 90 -4.26 0.50 5.49
CA VAL A 90 -3.79 0.14 4.16
C VAL A 90 -3.76 1.39 3.30
N VAL A 91 -2.64 1.62 2.62
CA VAL A 91 -2.47 2.74 1.70
C VAL A 91 -2.16 2.16 0.33
N HIS A 92 -2.94 2.59 -0.68
CA HIS A 92 -2.71 2.24 -2.07
C HIS A 92 -2.54 3.51 -2.87
N ASN A 93 -1.50 3.58 -3.70
CA ASN A 93 -1.34 4.73 -4.58
C ASN A 93 -0.65 4.30 -5.87
N HIS A 94 -0.50 5.25 -6.79
CA HIS A 94 0.20 5.02 -8.03
C HIS A 94 1.41 5.93 -8.07
N ALA A 95 2.15 5.97 -6.97
CA ALA A 95 3.36 6.78 -6.89
C ALA A 95 4.26 6.47 -8.08
N VAL A 96 4.85 7.51 -8.66
CA VAL A 96 5.40 7.37 -10.01
C VAL A 96 6.59 6.40 -10.05
N HIS A 97 7.48 6.45 -9.06
CA HIS A 97 8.64 5.56 -9.13
C HIS A 97 8.24 4.11 -8.86
N CYS A 98 7.42 3.87 -7.83
CA CYS A 98 6.84 2.56 -7.57
C CYS A 98 6.18 2.00 -8.83
N THR A 99 5.39 2.84 -9.48
CA THR A 99 4.59 2.37 -10.60
C THR A 99 5.47 2.06 -11.82
N ALA A 100 6.50 2.87 -12.04
CA ALA A 100 7.45 2.58 -13.11
C ALA A 100 8.14 1.24 -12.89
N VAL A 101 8.58 0.95 -11.66
CA VAL A 101 9.17 -0.38 -11.41
C VAL A 101 8.14 -1.47 -11.68
N SER A 102 6.89 -1.24 -11.28
CA SER A 102 5.84 -2.24 -11.51
C SER A 102 5.54 -2.44 -12.99
N ILE A 103 5.79 -1.43 -13.82
CA ILE A 103 5.62 -1.61 -15.26
C ILE A 103 6.68 -2.55 -15.82
N LEU A 104 7.88 -2.55 -15.25
CA LEU A 104 8.90 -3.50 -15.66
C LEU A 104 8.67 -4.89 -15.10
N ASN A 105 7.69 -5.04 -14.18
CA ASN A 105 7.39 -6.31 -13.52
C ASN A 105 8.64 -6.86 -12.83
N ARG A 106 9.29 -6.01 -12.05
CA ARG A 106 10.46 -6.39 -11.27
C ARG A 106 10.20 -6.16 -9.80
N PRO A 107 10.61 -7.08 -8.93
CA PRO A 107 10.65 -6.73 -7.51
C PRO A 107 11.77 -5.74 -7.27
N ILE A 108 11.66 -5.01 -6.17
CA ILE A 108 12.76 -4.18 -5.71
C ILE A 108 13.67 -5.06 -4.84
N PRO A 109 14.93 -5.27 -5.22
CA PRO A 109 15.83 -6.11 -4.42
C PRO A 109 16.50 -5.32 -3.29
N ALA A 110 17.43 -5.98 -2.59
CA ALA A 110 18.00 -5.42 -1.37
C ALA A 110 19.09 -4.39 -1.66
N ILE A 111 18.71 -3.31 -2.37
CA ILE A 111 19.68 -2.28 -2.73
C ILE A 111 19.98 -1.33 -1.58
N HIS A 112 19.18 -1.37 -0.52
CA HIS A 112 19.33 -0.45 0.60
C HIS A 112 18.76 -1.13 1.84
N TYR A 113 19.39 -0.92 3.00
CA TYR A 113 18.99 -1.71 4.16
C TYR A 113 17.56 -1.40 4.62
N MET A 114 17.00 -0.25 4.25
CA MET A 114 15.62 0.06 4.62
C MET A 114 14.60 -0.82 3.89
N ILE A 115 15.02 -1.64 2.92
CA ILE A 115 14.13 -2.66 2.35
C ILE A 115 13.52 -3.54 3.44
N ALA A 116 14.25 -3.75 4.54
CA ALA A 116 13.79 -4.59 5.64
C ALA A 116 12.54 -4.03 6.34
N ALA A 117 12.20 -2.75 6.13
CA ALA A 117 10.99 -2.21 6.74
C ALA A 117 9.73 -2.90 6.22
N ALA A 118 9.79 -3.54 5.07
CA ALA A 118 8.64 -4.28 4.58
C ALA A 118 8.66 -5.74 4.99
N GLY A 119 9.68 -6.16 5.76
CA GLY A 119 9.68 -7.45 6.40
C GLY A 119 10.70 -8.43 5.88
N GLY A 120 11.39 -8.13 4.79
CA GLY A 120 12.35 -9.07 4.23
C GLY A 120 13.42 -8.41 3.39
N ASN A 121 13.86 -9.09 2.33
CA ASN A 121 14.94 -8.61 1.48
C ASN A 121 14.45 -8.07 0.13
N SER A 122 13.16 -7.77 0.02
CA SER A 122 12.59 -7.44 -1.29
C SER A 122 11.25 -6.72 -1.09
N ILE A 123 10.87 -5.95 -2.12
CA ILE A 123 9.50 -5.53 -2.36
C ILE A 123 8.99 -6.34 -3.55
N PRO A 124 8.02 -7.23 -3.36
CA PRO A 124 7.55 -8.05 -4.47
C PRO A 124 6.79 -7.22 -5.49
N CYS A 125 6.61 -7.83 -6.67
CA CYS A 125 5.78 -7.26 -7.72
C CYS A 125 4.80 -8.34 -8.14
N ALA A 126 3.53 -8.17 -7.73
CA ALA A 126 2.50 -9.15 -8.04
C ALA A 126 2.08 -9.06 -9.50
N PRO A 127 1.77 -10.18 -10.14
CA PRO A 127 1.32 -10.18 -11.54
C PRO A 127 0.05 -9.36 -11.77
N TYR A 128 -0.07 -8.81 -12.98
CA TYR A 128 -1.22 -7.97 -13.35
C TYR A 128 -2.53 -8.74 -13.33
N ALA A 129 -3.59 -8.07 -12.87
CA ALA A 129 -4.97 -8.43 -13.14
C ALA A 129 -5.79 -7.15 -13.04
N THR A 130 -6.96 -7.16 -13.67
CA THR A 130 -7.77 -5.95 -13.76
C THR A 130 -8.08 -5.39 -12.38
N PHE A 131 -7.95 -4.07 -12.25
CA PHE A 131 -8.21 -3.41 -10.98
C PHE A 131 -9.60 -3.78 -10.46
N GLY A 132 -9.70 -3.98 -9.15
CA GLY A 132 -10.96 -4.29 -8.53
C GLY A 132 -11.42 -5.72 -8.67
N THR A 133 -10.65 -6.61 -9.29
CA THR A 133 -11.13 -7.96 -9.49
C THR A 133 -10.66 -8.90 -8.37
N ARG A 134 -11.33 -10.05 -8.30
CA ARG A 134 -10.94 -11.11 -7.39
C ARG A 134 -9.56 -11.66 -7.73
N GLU A 135 -9.27 -11.80 -9.04
CA GLU A 135 -7.94 -12.27 -9.44
C GLU A 135 -6.85 -11.36 -8.89
N LEU A 136 -7.06 -10.05 -8.99
CA LEU A 136 -6.08 -9.13 -8.43
C LEU A 136 -5.98 -9.29 -6.92
N SER A 137 -7.13 -9.47 -6.25
CA SER A 137 -7.12 -9.65 -4.80
C SER A 137 -6.29 -10.85 -4.39
N GLU A 138 -6.44 -11.98 -5.08
CA GLU A 138 -5.68 -13.17 -4.74
C GLU A 138 -4.18 -12.95 -4.90
N HIS A 139 -3.76 -12.30 -5.99
CA HIS A 139 -2.34 -11.98 -6.16
C HIS A 139 -1.83 -11.12 -5.00
N VAL A 140 -2.63 -10.12 -4.61
CA VAL A 140 -2.25 -9.25 -3.50
C VAL A 140 -2.09 -10.06 -2.22
N ALA A 141 -3.06 -10.93 -1.91
CA ALA A 141 -2.98 -11.75 -0.71
C ALA A 141 -1.70 -12.57 -0.67
N VAL A 142 -1.33 -13.15 -1.82
CA VAL A 142 -0.12 -13.96 -1.86
C VAL A 142 1.11 -13.09 -1.63
N ALA A 143 1.15 -11.92 -2.25
CA ALA A 143 2.32 -11.05 -2.15
C ALA A 143 2.51 -10.51 -0.75
N LEU A 144 1.42 -10.33 -0.02
CA LEU A 144 1.47 -9.76 1.32
C LEU A 144 1.66 -10.81 2.40
N LYS A 145 1.84 -12.08 2.02
CA LYS A 145 1.93 -13.12 3.02
C LYS A 145 3.11 -12.90 3.94
N HIS A 146 4.26 -12.52 3.38
CA HIS A 146 5.51 -12.34 4.10
C HIS A 146 6.06 -10.94 3.91
N ARG A 147 5.27 -10.01 3.39
CA ARG A 147 5.71 -8.64 3.18
C ARG A 147 4.56 -7.70 3.53
N LYS A 148 4.91 -6.53 4.08
CA LYS A 148 3.94 -5.50 4.39
C LYS A 148 3.61 -4.59 3.21
N ALA A 149 4.40 -4.63 2.14
CA ALA A 149 4.11 -3.82 0.98
C ALA A 149 4.39 -4.63 -0.28
N THR A 150 3.69 -4.28 -1.36
CA THR A 150 3.92 -4.96 -2.62
C THR A 150 3.64 -4.01 -3.77
N LEU A 151 4.43 -4.16 -4.83
CA LEU A 151 4.04 -3.56 -6.08
C LEU A 151 2.99 -4.41 -6.78
N LEU A 152 2.25 -3.76 -7.67
CA LEU A 152 1.24 -4.38 -8.51
C LEU A 152 1.60 -4.09 -9.96
N GLN A 153 1.87 -5.13 -10.75
CA GLN A 153 2.35 -4.94 -12.11
C GLN A 153 1.42 -4.04 -12.92
N HIS A 154 2.02 -3.06 -13.62
CA HIS A 154 1.28 -2.10 -14.45
C HIS A 154 0.28 -1.28 -13.66
N HIS A 155 0.53 -1.06 -12.37
CA HIS A 155 -0.52 -0.49 -11.54
C HIS A 155 0.01 0.49 -10.51
N GLY A 156 0.72 -0.03 -9.49
CA GLY A 156 1.20 0.81 -8.40
C GLY A 156 1.62 0.04 -7.17
N LEU A 157 1.23 0.54 -6.00
CA LEU A 157 1.79 0.15 -4.70
C LEU A 157 0.69 -0.04 -3.67
N ILE A 158 0.81 -1.11 -2.87
CA ILE A 158 0.02 -1.31 -1.66
C ILE A 158 0.97 -1.44 -0.47
N ALA A 159 0.70 -0.69 0.59
CA ALA A 159 1.46 -0.77 1.83
C ALA A 159 0.48 -0.85 3.00
N CYS A 160 0.77 -1.70 3.96
CA CYS A 160 -0.09 -1.82 5.14
C CYS A 160 0.76 -1.88 6.41
N GLU A 161 0.22 -1.33 7.49
CA GLU A 161 0.97 -1.29 8.74
C GLU A 161 -0.03 -1.15 9.89
N ALA A 162 0.50 -0.94 11.09
CA ALA A 162 -0.27 -0.94 12.32
C ALA A 162 -0.99 0.37 12.58
N SER A 163 -0.74 1.39 11.76
CA SER A 163 -1.36 2.70 11.94
C SER A 163 -1.33 3.40 10.59
N LEU A 164 -2.21 4.39 10.43
CA LEU A 164 -2.19 5.18 9.20
C LEU A 164 -0.84 5.85 9.00
N GLU A 165 -0.28 6.41 10.08
CA GLU A 165 1.00 7.09 9.99
C GLU A 165 2.09 6.14 9.54
N LYS A 166 2.11 4.92 10.09
CA LYS A 166 3.14 3.96 9.69
C LYS A 166 2.91 3.44 8.28
N ALA A 167 1.65 3.28 7.87
CA ALA A 167 1.40 2.81 6.50
C ALA A 167 1.80 3.86 5.48
N LEU A 168 1.51 5.13 5.76
CA LEU A 168 1.97 6.20 4.88
C LEU A 168 3.49 6.29 4.87
N TRP A 169 4.11 6.14 6.05
CA TRP A 169 5.57 6.17 6.13
C TRP A 169 6.18 5.06 5.29
N LEU A 170 5.62 3.85 5.39
CA LEU A 170 6.12 2.72 4.61
C LEU A 170 5.89 2.93 3.12
N ALA A 171 4.71 3.45 2.76
CA ALA A 171 4.47 3.76 1.35
C ALA A 171 5.50 4.74 0.82
N HIS A 172 5.83 5.77 1.62
CA HIS A 172 6.83 6.75 1.18
C HIS A 172 8.21 6.10 1.10
N GLU A 173 8.53 5.22 2.03
CA GLU A 173 9.82 4.53 2.01
C GLU A 173 9.97 3.64 0.78
N VAL A 174 8.89 2.95 0.38
CA VAL A 174 8.98 2.11 -0.81
C VAL A 174 9.15 2.98 -2.05
N GLU A 175 8.50 4.16 -2.08
CA GLU A 175 8.69 5.06 -3.23
C GLU A 175 10.13 5.56 -3.30
N VAL A 176 10.76 5.80 -2.16
CA VAL A 176 12.18 6.17 -2.16
C VAL A 176 13.03 5.01 -2.67
N LEU A 177 12.76 3.81 -2.18
CA LEU A 177 13.46 2.62 -2.67
C LEU A 177 13.29 2.45 -4.17
N ALA A 178 12.08 2.70 -4.68
CA ALA A 178 11.84 2.58 -6.11
C ALA A 178 12.62 3.62 -6.89
N GLN A 179 12.64 4.86 -6.42
CA GLN A 179 13.42 5.89 -7.08
C GLN A 179 14.90 5.52 -7.08
N LEU A 180 15.37 4.95 -5.97
CA LEU A 180 16.77 4.53 -5.89
C LEU A 180 17.07 3.45 -6.91
N TYR A 181 16.19 2.47 -7.01
CA TYR A 181 16.35 1.37 -7.96
C TYR A 181 16.35 1.88 -9.40
N LEU A 182 15.37 2.72 -9.76
CA LEU A 182 15.35 3.27 -11.13
C LEU A 182 16.61 4.07 -11.43
N SER A 183 17.05 4.88 -10.47
CA SER A 183 18.21 5.75 -10.71
C SER A 183 19.48 4.95 -10.92
N THR A 184 19.65 3.87 -10.16
CA THR A 184 20.85 3.05 -10.30
C THR A 184 20.74 2.09 -11.49
N LEU A 185 19.53 1.55 -11.73
CA LEU A 185 19.35 0.65 -12.86
C LEU A 185 19.68 1.32 -14.19
N ALA A 186 19.39 2.62 -14.27
CA ALA A 186 19.73 3.39 -15.46
C ALA A 186 21.23 3.48 -15.69
N ILE A 187 22.05 3.22 -14.68
CA ILE A 187 23.49 3.24 -14.79
C ILE A 187 24.06 1.83 -14.87
N THR A 188 23.56 0.92 -14.05
CA THR A 188 24.16 -0.40 -13.88
C THR A 188 23.05 -1.42 -13.74
N ASP A 189 23.09 -2.45 -14.58
CA ASP A 189 22.12 -3.54 -14.52
C ASP A 189 22.91 -4.85 -14.50
N PRO A 190 22.81 -5.66 -13.44
CA PRO A 190 21.98 -5.46 -12.25
C PRO A 190 22.58 -4.50 -11.24
N VAL A 191 21.74 -3.97 -10.35
CA VAL A 191 22.18 -3.07 -9.29
C VAL A 191 22.80 -3.87 -8.15
N PRO A 192 23.92 -3.42 -7.57
CA PRO A 192 24.48 -4.12 -6.40
C PRO A 192 23.46 -4.23 -5.27
N VAL A 193 23.47 -5.38 -4.58
CA VAL A 193 22.57 -5.58 -3.46
C VAL A 193 23.36 -6.03 -2.23
N LEU A 194 22.75 -5.81 -1.07
CA LEU A 194 23.24 -6.38 0.17
C LEU A 194 22.91 -7.87 0.23
N ASP A 195 23.80 -8.66 0.84
CA ASP A 195 23.47 -10.08 0.88
C ASP A 195 22.50 -10.39 2.02
N ASP A 196 22.00 -11.62 2.05
CA ASP A 196 20.97 -11.97 3.02
C ASP A 196 21.46 -11.88 4.45
N GLU A 197 22.76 -12.10 4.67
CA GLU A 197 23.30 -11.92 6.01
C GLU A 197 23.14 -10.48 6.48
N ALA A 198 23.45 -9.52 5.60
CA ALA A 198 23.30 -8.11 5.97
C ALA A 198 21.85 -7.80 6.31
N ILE A 199 20.90 -8.26 5.47
CA ILE A 199 19.50 -7.98 5.73
C ILE A 199 19.03 -8.70 7.00
N ALA A 200 19.53 -9.92 7.22
CA ALA A 200 19.17 -10.64 8.43
C ALA A 200 19.57 -9.84 9.66
N ILE A 201 20.75 -9.21 9.62
CA ILE A 201 21.21 -8.41 10.75
C ILE A 201 20.28 -7.22 10.96
N VAL A 202 19.93 -6.53 9.86
CA VAL A 202 19.07 -5.36 9.94
C VAL A 202 17.68 -5.75 10.44
N LEU A 203 17.14 -6.86 9.93
CA LEU A 203 15.80 -7.29 10.34
C LEU A 203 15.72 -7.44 11.85
N GLU A 204 16.76 -8.01 12.46
CA GLU A 204 16.73 -8.17 13.91
C GLU A 204 16.84 -6.83 14.63
N LYS A 205 17.66 -5.91 14.13
CA LYS A 205 17.78 -4.60 14.75
C LYS A 205 16.44 -3.85 14.74
N PHE A 206 15.57 -4.19 13.81
CA PHE A 206 14.25 -3.57 13.74
C PHE A 206 13.30 -4.18 14.76
#